data_3MA3
#
_entry.id   3MA3
#
_cell.length_a   97.707
_cell.length_b   97.707
_cell.length_c   80.581
_cell.angle_alpha   90.000
_cell.angle_beta   90.000
_cell.angle_gamma   120.000
#
_symmetry.space_group_name_H-M   'P 65'
#
loop_
_entity.id
_entity.type
_entity.pdbx_description
1 polymer 'Proto-oncogene serine/threonine-protein kinase pim-1'
2 polymer Pimtide
3 non-polymer "naphtho[2,1-b:7,6-b']difuran-2,8-dicarboxylic acid"
4 water water
#
loop_
_entity_poly.entity_id
_entity_poly.type
_entity_poly.pdbx_seq_one_letter_code
_entity_poly.pdbx_strand_id
1 'polypeptide(L)'
;SMLLSKINSLAHLRAAPCNDLHATKLAPGKEKEPLESQYQVGPLLGSGGFGSVYSGIRVSDNLPVAIKHVEKDRISDWGE
LPNGTRVPMEVVLLKKVSSGFSGVIRLLDWFERPDSFVLILERPEPVQDLFDFITERGALQEELARSFFWQVLEAVRHCH
NCGVLHRDIKDENILIDLNRGELKLIDFGSGALLKDTVYTDFDGTRVYSPPEWIRYHRYHGRSAAVWSLGILLYDMVCGD
IPFEHDEEIIGGQVFFRQRVS(SEP)ECQHLIRWCLALRPSDRPTFEEIQNHPWMQDVLLPQETAEIHLHSLSPGPS
;
A
2 'polypeptide(L)' KRRRHPS B
#
loop_
_chem_comp.id
_chem_comp.type
_chem_comp.name
_chem_comp.formula
01I non-polymer 'naphtho[2,1-b:7,6-b']difuran-2,8-dicarboxylic acid' 'C16 H8 O6'
#
# COMPACT_ATOMS: atom_id res chain seq x y z
N GLN A 38 -19.48 22.40 -5.71
CA GLN A 38 -19.12 21.27 -6.66
C GLN A 38 -19.05 19.85 -6.04
N TYR A 39 -18.77 19.76 -4.73
CA TYR A 39 -18.84 18.49 -3.99
C TYR A 39 -19.72 18.58 -2.75
N GLN A 40 -20.49 17.52 -2.52
CA GLN A 40 -21.26 17.41 -1.31
C GLN A 40 -20.48 16.56 -0.30
N VAL A 41 -20.19 17.16 0.85
CA VAL A 41 -19.34 16.59 1.89
C VAL A 41 -20.14 15.78 2.92
N GLY A 42 -19.87 14.48 3.01
CA GLY A 42 -20.49 13.63 4.02
C GLY A 42 -19.69 13.58 5.30
N PRO A 43 -19.65 12.39 5.94
CA PRO A 43 -18.98 12.20 7.23
C PRO A 43 -17.58 11.61 7.14
N LEU A 44 -16.78 11.79 8.18
CA LEU A 44 -15.46 11.23 8.24
C LEU A 44 -15.49 9.74 7.84
N LEU A 45 -14.48 9.33 7.08
CA LEU A 45 -14.18 7.91 6.83
C LEU A 45 -12.98 7.49 7.69
N GLY A 46 -12.04 8.42 7.87
CA GLY A 46 -10.90 8.26 8.80
C GLY A 46 -10.26 9.57 9.26
N GLY A 49 -7.58 7.72 13.82
CA GLY A 49 -6.22 8.20 13.63
C GLY A 49 -6.08 9.72 13.73
N PHE A 50 -4.97 10.27 13.19
CA PHE A 50 -4.73 11.75 13.10
C PHE A 50 -5.03 12.35 11.67
N GLY A 51 -5.58 11.55 10.76
CA GLY A 51 -5.90 12.01 9.38
C GLY A 51 -7.38 12.31 9.14
N SER A 52 -7.68 12.96 8.01
CA SER A 52 -9.03 13.51 7.75
C SER A 52 -9.50 13.32 6.32
N VAL A 53 -10.28 12.26 6.11
CA VAL A 53 -10.80 11.90 4.79
C VAL A 53 -12.30 11.76 4.91
N TYR A 54 -13.07 12.51 4.10
CA TYR A 54 -14.54 12.57 4.23
C TYR A 54 -15.21 11.90 3.06
N SER A 55 -16.39 11.35 3.29
CA SER A 55 -17.19 10.80 2.20
C SER A 55 -17.73 11.96 1.43
N GLY A 56 -17.88 11.76 0.14
CA GLY A 56 -18.22 12.85 -0.72
C GLY A 56 -18.88 12.33 -1.96
N ILE A 57 -19.63 13.22 -2.60
CA ILE A 57 -20.30 12.88 -3.83
C ILE A 57 -20.16 14.12 -4.71
N ARG A 58 -19.66 13.93 -5.93
CA ARG A 58 -19.47 15.04 -6.85
C ARG A 58 -20.84 15.42 -7.38
N VAL A 59 -21.23 16.70 -7.22
CA VAL A 59 -22.60 17.12 -7.54
C VAL A 59 -22.86 16.99 -9.03
N SER A 60 -21.84 17.36 -9.80
CA SER A 60 -21.86 17.30 -11.26
C SER A 60 -22.34 15.95 -11.84
N ASP A 61 -22.17 14.86 -11.09
CA ASP A 61 -22.64 13.52 -11.54
C ASP A 61 -22.86 12.44 -10.46
N ASN A 62 -22.93 12.84 -9.20
CA ASN A 62 -23.05 11.88 -8.07
C ASN A 62 -21.98 10.78 -8.01
N LEU A 63 -20.78 11.05 -8.52
CA LEU A 63 -19.68 10.10 -8.43
C LEU A 63 -19.28 10.01 -6.96
N PRO A 64 -19.14 8.78 -6.41
CA PRO A 64 -18.57 8.71 -5.07
C PRO A 64 -17.11 9.22 -5.07
N VAL A 65 -16.81 10.17 -4.18
CA VAL A 65 -15.44 10.66 -4.01
C VAL A 65 -15.03 10.53 -2.54
N ALA A 66 -13.71 10.55 -2.30
CA ALA A 66 -13.15 10.71 -0.95
C ALA A 66 -12.42 12.03 -0.91
N ILE A 67 -12.65 12.82 0.13
CA ILE A 67 -12.08 14.16 0.20
C ILE A 67 -11.08 14.23 1.31
N LYS A 68 -9.80 14.31 0.93
CA LYS A 68 -8.72 14.20 1.91
C LYS A 68 -8.09 15.54 2.16
N HIS A 69 -8.01 15.93 3.42
CA HIS A 69 -7.46 17.23 3.81
C HIS A 69 -6.12 17.06 4.49
N VAL A 70 -5.15 17.88 4.06
CA VAL A 70 -3.78 17.80 4.56
C VAL A 70 -3.32 19.19 5.03
N GLU A 71 -2.81 19.25 6.25
CA GLU A 71 -2.43 20.52 6.87
C GLU A 71 -1.07 20.90 6.32
N LYS A 72 -0.91 22.13 5.86
CA LYS A 72 0.42 22.60 5.46
C LYS A 72 1.44 22.55 6.59
N ASP A 73 1.01 22.78 7.84
CA ASP A 73 1.93 22.78 8.99
C ASP A 73 2.65 21.44 9.15
N ARG A 74 2.02 20.36 8.66
CA ARG A 74 2.52 18.98 8.83
C ARG A 74 3.09 18.34 7.55
N ILE A 75 3.28 19.14 6.50
CA ILE A 75 3.87 18.63 5.25
C ILE A 75 5.37 18.88 5.26
N SER A 76 6.18 17.82 5.29
CA SER A 76 7.65 17.96 5.26
C SER A 76 8.26 17.94 3.85
N ASP A 77 7.61 17.23 2.93
CA ASP A 77 8.14 17.07 1.56
C ASP A 77 7.30 17.82 0.52
N TRP A 78 7.97 18.70 -0.24
CA TRP A 78 7.32 19.54 -1.23
C TRP A 78 7.93 19.31 -2.60
N GLY A 79 7.12 19.56 -3.63
CA GLY A 79 7.55 19.40 -5.00
C GLY A 79 6.89 20.44 -5.87
N GLU A 80 7.15 20.36 -7.16
CA GLU A 80 6.55 21.29 -8.11
C GLU A 80 5.94 20.42 -9.20
N LEU A 81 4.83 20.88 -9.75
CA LEU A 81 4.07 20.12 -10.75
C LEU A 81 4.71 20.24 -12.14
N PRO A 82 4.27 19.41 -13.11
CA PRO A 82 4.64 19.62 -14.52
C PRO A 82 4.77 21.10 -14.94
N ASN A 83 3.88 21.98 -14.45
CA ASN A 83 3.93 23.43 -14.74
C ASN A 83 4.71 24.29 -13.72
N GLY A 84 5.14 23.68 -12.62
CA GLY A 84 5.99 24.35 -11.64
C GLY A 84 5.31 25.20 -10.58
N THR A 85 4.17 24.72 -10.05
CA THR A 85 3.57 25.29 -8.83
C THR A 85 3.95 24.41 -7.63
N ARG A 86 4.21 25.04 -6.48
CA ARG A 86 4.80 24.35 -5.32
C ARG A 86 3.75 23.61 -4.49
N VAL A 87 3.73 22.28 -4.63
CA VAL A 87 2.69 21.46 -4.03
C VAL A 87 3.26 20.38 -3.11
N PRO A 88 2.45 19.85 -2.20
CA PRO A 88 2.99 18.74 -1.44
C PRO A 88 3.34 17.56 -2.37
N MET A 89 4.41 16.87 -2.01
CA MET A 89 4.90 15.73 -2.77
C MET A 89 3.80 14.71 -2.99
N GLU A 90 2.91 14.55 -2.01
CA GLU A 90 1.84 13.56 -2.11
C GLU A 90 1.05 13.80 -3.38
N VAL A 91 0.80 15.07 -3.66
CA VAL A 91 0.04 15.45 -4.87
C VAL A 91 0.86 15.16 -6.09
N VAL A 92 2.16 15.49 -6.05
CA VAL A 92 3.06 15.21 -7.15
C VAL A 92 3.01 13.75 -7.51
N LEU A 93 3.04 12.86 -6.51
CA LEU A 93 3.13 11.42 -6.77
C LEU A 93 1.76 10.87 -7.22
N LEU A 94 0.68 11.33 -6.58
CA LEU A 94 -0.65 10.91 -7.01
C LEU A 94 -0.89 11.27 -8.47
N LYS A 95 -0.40 12.42 -8.90
CA LYS A 95 -0.60 12.82 -10.31
C LYS A 95 0.19 11.91 -11.22
N LYS A 96 1.41 11.59 -10.83
CA LYS A 96 2.20 10.71 -11.67
C LYS A 96 1.60 9.33 -11.83
N VAL A 97 0.81 8.85 -10.84
CA VAL A 97 0.30 7.46 -10.93
C VAL A 97 -1.15 7.39 -11.37
N SER A 98 -1.79 8.53 -11.52
CA SER A 98 -3.24 8.60 -11.58
C SER A 98 -3.81 8.63 -12.98
N SER A 99 -2.98 8.49 -13.99
CA SER A 99 -3.52 8.44 -15.35
C SER A 99 -3.55 7.00 -15.81
N GLY A 100 -4.61 6.67 -16.55
CA GLY A 100 -4.93 5.31 -16.91
C GLY A 100 -5.59 4.57 -15.76
N PHE A 101 -6.00 3.33 -16.04
CA PHE A 101 -6.62 2.45 -15.06
C PHE A 101 -5.55 1.67 -14.31
N SER A 102 -5.74 1.48 -13.01
CA SER A 102 -4.78 0.74 -12.22
C SER A 102 -5.34 0.37 -10.87
N GLY A 103 -4.52 -0.32 -10.08
CA GLY A 103 -4.83 -0.67 -8.73
C GLY A 103 -4.36 0.36 -7.73
N VAL A 104 -4.28 1.62 -8.16
CA VAL A 104 -4.06 2.76 -7.29
C VAL A 104 -5.26 3.73 -7.23
N ILE A 105 -5.68 4.16 -6.04
CA ILE A 105 -6.71 5.20 -5.89
C ILE A 105 -6.25 6.45 -6.63
N ARG A 106 -7.14 6.95 -7.48
CA ARG A 106 -6.81 8.02 -8.38
C ARG A 106 -7.21 9.39 -7.85
N LEU A 107 -6.36 10.35 -8.07
CA LEU A 107 -6.62 11.72 -7.67
C LEU A 107 -7.43 12.43 -8.73
N LEU A 108 -8.64 12.85 -8.40
CA LEU A 108 -9.58 13.38 -9.39
C LEU A 108 -9.33 14.87 -9.58
N ASP A 109 -8.95 15.54 -8.49
CA ASP A 109 -8.64 16.97 -8.51
C ASP A 109 -8.04 17.33 -7.16
N TRP A 110 -7.61 18.57 -7.02
CA TRP A 110 -7.13 19.12 -5.76
C TRP A 110 -7.22 20.65 -5.73
N PHE A 111 -7.30 21.19 -4.52
CA PHE A 111 -7.44 22.63 -4.30
C PHE A 111 -6.47 23.03 -3.22
N GLU A 112 -5.95 24.25 -3.28
CA GLU A 112 -5.13 24.78 -2.21
C GLU A 112 -5.96 25.75 -1.33
N ARG A 113 -5.80 25.65 -0.02
CA ARG A 113 -6.44 26.58 0.89
C ARG A 113 -5.35 27.26 1.66
N PRO A 114 -5.70 28.33 2.40
CA PRO A 114 -4.78 29.04 3.27
C PRO A 114 -3.87 28.18 4.15
N ASP A 115 -4.44 27.26 4.94
CA ASP A 115 -3.65 26.40 5.84
C ASP A 115 -3.60 24.93 5.44
N SER A 116 -4.22 24.57 4.30
CA SER A 116 -4.29 23.16 3.88
C SER A 116 -4.43 22.95 2.36
N PHE A 117 -4.19 21.71 1.94
CA PHE A 117 -4.60 21.28 0.61
C PHE A 117 -5.72 20.26 0.79
N VAL A 118 -6.66 20.30 -0.13
CA VAL A 118 -7.73 19.30 -0.23
C VAL A 118 -7.52 18.48 -1.48
N LEU A 119 -7.67 17.16 -1.35
CA LEU A 119 -7.47 16.20 -2.45
C LEU A 119 -8.79 15.45 -2.71
N ILE A 120 -9.24 15.43 -3.96
CA ILE A 120 -10.44 14.70 -4.30
C ILE A 120 -9.99 13.42 -4.95
N LEU A 121 -10.34 12.30 -4.33
CA LEU A 121 -9.91 10.97 -4.74
C LEU A 121 -11.10 10.07 -5.08
N GLU A 122 -10.83 8.99 -5.83
CA GLU A 122 -11.81 7.95 -6.08
C GLU A 122 -12.32 7.39 -4.79
N ARG A 123 -13.58 6.99 -4.79
CA ARG A 123 -14.09 6.20 -3.68
C ARG A 123 -14.90 5.03 -4.20
N PRO A 124 -14.36 3.82 -4.09
CA PRO A 124 -15.20 2.69 -4.41
C PRO A 124 -16.21 2.43 -3.28
N GLU A 125 -17.20 1.64 -3.64
CA GLU A 125 -18.33 1.37 -2.81
C GLU A 125 -18.92 0.08 -3.38
N PRO A 126 -19.14 -0.93 -2.54
CA PRO A 126 -18.79 -0.98 -1.12
C PRO A 126 -17.33 -1.32 -0.96
N VAL A 127 -16.74 -0.87 0.14
CA VAL A 127 -15.30 -1.02 0.35
C VAL A 127 -14.96 -1.38 1.80
N GLN A 128 -13.84 -2.09 1.97
CA GLN A 128 -13.23 -2.33 3.29
C GLN A 128 -11.72 -2.39 3.11
N ASP A 129 -11.00 -1.78 4.05
CA ASP A 129 -9.58 -1.84 3.99
C ASP A 129 -9.11 -3.25 4.41
N LEU A 130 -7.90 -3.60 3.99
CA LEU A 130 -7.41 -4.96 4.11
C LEU A 130 -7.08 -5.28 5.55
N PHE A 131 -6.76 -4.27 6.34
CA PHE A 131 -6.50 -4.48 7.74
C PHE A 131 -7.79 -4.91 8.46
N ASP A 132 -8.88 -4.16 8.30
CA ASP A 132 -10.17 -4.57 8.92
C ASP A 132 -10.60 -5.95 8.42
N PHE A 133 -10.39 -6.22 7.14
CA PHE A 133 -10.78 -7.48 6.51
C PHE A 133 -10.02 -8.65 7.10
N ILE A 134 -8.72 -8.50 7.34
CA ILE A 134 -7.96 -9.57 8.00
C ILE A 134 -8.31 -9.68 9.50
N THR A 135 -8.55 -8.56 10.17
CA THR A 135 -8.97 -8.62 11.56
C THR A 135 -10.26 -9.44 11.66
N GLU A 136 -11.27 -9.08 10.85
CA GLU A 136 -12.60 -9.72 10.91
C GLU A 136 -12.60 -11.17 10.39
N ARG A 137 -11.86 -11.48 9.32
CA ARG A 137 -11.89 -12.85 8.77
C ARG A 137 -10.71 -13.75 9.15
N GLY A 138 -9.68 -13.18 9.77
CA GLY A 138 -8.49 -13.97 10.14
C GLY A 138 -7.61 -14.34 8.95
N ALA A 139 -6.66 -15.25 9.18
CA ALA A 139 -5.75 -15.75 8.13
C ALA A 139 -6.55 -16.02 6.84
N LEU A 140 -6.10 -15.51 5.72
CA LEU A 140 -6.79 -15.77 4.45
C LEU A 140 -6.39 -17.06 3.81
N GLN A 141 -7.36 -17.68 3.16
CA GLN A 141 -7.03 -18.81 2.30
C GLN A 141 -6.03 -18.40 1.20
N GLU A 142 -5.20 -19.34 0.81
CA GLU A 142 -4.09 -19.07 -0.07
C GLU A 142 -4.53 -18.54 -1.45
N GLU A 143 -5.55 -19.18 -2.03
CA GLU A 143 -6.19 -18.72 -3.25
C GLU A 143 -6.56 -17.23 -3.16
N LEU A 144 -7.10 -16.82 -2.02
CA LEU A 144 -7.52 -15.42 -1.81
C LEU A 144 -6.31 -14.52 -1.61
N ALA A 145 -5.37 -14.94 -0.77
CA ALA A 145 -4.10 -14.21 -0.58
C ALA A 145 -3.35 -14.02 -1.92
N ARG A 146 -3.40 -15.04 -2.78
CA ARG A 146 -2.72 -15.00 -4.05
C ARG A 146 -3.33 -13.94 -4.95
N SER A 147 -4.66 -13.89 -5.01
CA SER A 147 -5.30 -12.91 -5.88
C SER A 147 -4.96 -11.50 -5.41
N PHE A 148 -5.10 -11.27 -4.12
CA PHE A 148 -4.76 -10.00 -3.49
C PHE A 148 -3.31 -9.57 -3.69
N PHE A 149 -2.40 -10.47 -3.38
CA PHE A 149 -0.99 -10.18 -3.46
C PHE A 149 -0.60 -9.85 -4.90
N TRP A 150 -1.14 -10.61 -5.85
CA TRP A 150 -0.87 -10.42 -7.26
C TRP A 150 -1.25 -9.01 -7.68
N GLN A 151 -2.43 -8.60 -7.24
CA GLN A 151 -2.94 -7.29 -7.56
C GLN A 151 -2.15 -6.18 -6.90
N VAL A 152 -1.67 -6.44 -5.68
CA VAL A 152 -0.79 -5.48 -5.02
C VAL A 152 0.50 -5.38 -5.85
N LEU A 153 1.00 -6.49 -6.36
CA LEU A 153 2.20 -6.46 -7.21
C LEU A 153 2.02 -5.64 -8.46
N GLU A 154 0.89 -5.82 -9.15
CA GLU A 154 0.61 -5.05 -10.33
C GLU A 154 0.53 -3.56 -10.01
N ALA A 155 -0.09 -3.21 -8.88
CA ALA A 155 -0.23 -1.81 -8.46
C ALA A 155 1.12 -1.15 -8.09
N VAL A 156 2.01 -1.90 -7.44
CA VAL A 156 3.32 -1.32 -7.10
C VAL A 156 4.24 -1.21 -8.33
N ARG A 157 4.14 -2.18 -9.25
CA ARG A 157 4.82 -2.14 -10.54
C ARG A 157 4.41 -0.88 -11.30
N HIS A 158 3.11 -0.69 -11.42
CA HIS A 158 2.56 0.55 -11.96
C HIS A 158 3.11 1.81 -11.28
N CYS A 159 3.21 1.84 -9.96
CA CYS A 159 3.82 3.03 -9.32
C CYS A 159 5.27 3.20 -9.76
N HIS A 160 6.02 2.10 -9.73
CA HIS A 160 7.46 2.17 -10.04
C HIS A 160 7.72 2.64 -11.48
N ASN A 161 7.00 2.06 -12.41
CA ASN A 161 6.94 2.49 -13.78
C ASN A 161 6.62 3.94 -14.00
N CYS A 162 5.81 4.52 -13.13
CA CYS A 162 5.54 5.95 -13.18
C CYS A 162 6.51 6.81 -12.40
N GLY A 163 7.59 6.25 -11.85
CA GLY A 163 8.56 7.07 -11.08
C GLY A 163 8.21 7.33 -9.59
N VAL A 164 7.32 6.52 -9.01
CA VAL A 164 6.84 6.71 -7.65
C VAL A 164 7.15 5.52 -6.74
N LEU A 165 7.76 5.79 -5.60
CA LEU A 165 7.95 4.79 -4.52
C LEU A 165 6.97 5.12 -3.42
N HIS A 166 6.09 4.19 -3.08
CA HIS A 166 5.04 4.49 -2.07
C HIS A 166 5.62 4.59 -0.65
N ARG A 167 6.52 3.65 -0.34
CA ARG A 167 7.19 3.52 0.97
C ARG A 167 6.32 3.19 2.19
N ASP A 168 5.06 2.81 2.00
CA ASP A 168 4.20 2.47 3.13
C ASP A 168 3.16 1.43 2.77
N ILE A 169 3.61 0.41 2.06
CA ILE A 169 2.77 -0.69 1.65
C ILE A 169 2.46 -1.48 2.91
N LYS A 170 1.18 -1.63 3.20
CA LYS A 170 0.69 -2.33 4.39
C LYS A 170 -0.81 -2.52 4.25
N ASP A 171 -1.38 -3.49 4.97
CA ASP A 171 -2.78 -3.84 4.82
C ASP A 171 -3.68 -2.62 5.01
N GLU A 172 -3.27 -1.69 5.88
CA GLU A 172 -4.08 -0.50 6.14
C GLU A 172 -4.11 0.44 4.95
N ASN A 173 -3.15 0.32 4.05
CA ASN A 173 -3.11 1.23 2.89
C ASN A 173 -3.62 0.58 1.63
N ILE A 174 -4.48 -0.44 1.80
CA ILE A 174 -5.07 -1.19 0.70
C ILE A 174 -6.56 -1.32 0.93
N LEU A 175 -7.33 -0.87 -0.06
CA LEU A 175 -8.77 -0.94 0.00
C LEU A 175 -9.20 -2.07 -0.85
N ILE A 176 -10.23 -2.79 -0.41
CA ILE A 176 -10.82 -3.85 -1.20
C ILE A 176 -12.19 -3.37 -1.72
N ASP A 177 -12.39 -3.39 -3.03
CA ASP A 177 -13.73 -3.16 -3.60
C ASP A 177 -14.41 -4.53 -3.62
N LEU A 178 -15.36 -4.69 -2.71
CA LEU A 178 -15.94 -6.00 -2.41
C LEU A 178 -16.84 -6.54 -3.55
N ASN A 179 -17.34 -5.68 -4.44
CA ASN A 179 -18.14 -6.17 -5.56
C ASN A 179 -17.28 -6.59 -6.75
N ARG A 180 -16.30 -5.75 -7.08
CA ARG A 180 -15.43 -5.99 -8.23
C ARG A 180 -14.23 -6.88 -7.90
N GLY A 181 -13.96 -7.07 -6.61
CA GLY A 181 -12.80 -7.87 -6.19
C GLY A 181 -11.45 -7.27 -6.56
N GLU A 182 -11.40 -5.95 -6.59
CA GLU A 182 -10.22 -5.17 -7.00
C GLU A 182 -9.58 -4.48 -5.79
N LEU A 183 -8.26 -4.51 -5.68
CA LEU A 183 -7.59 -3.79 -4.59
C LEU A 183 -7.10 -2.45 -5.13
N LYS A 184 -7.15 -1.41 -4.28
CA LYS A 184 -6.60 -0.10 -4.57
C LYS A 184 -5.58 0.36 -3.47
N LEU A 185 -4.38 0.72 -3.87
CA LEU A 185 -3.40 1.34 -2.94
C LEU A 185 -3.77 2.76 -2.57
N ILE A 186 -3.62 3.12 -1.28
CA ILE A 186 -3.83 4.47 -0.85
C ILE A 186 -2.68 5.05 -0.08
N ASP A 187 -2.79 6.37 0.16
CA ASP A 187 -1.89 7.14 1.04
C ASP A 187 -0.42 7.13 0.59
N PHE A 188 -0.11 8.06 -0.31
CA PHE A 188 1.24 8.32 -0.78
C PHE A 188 1.93 9.41 0.05
N GLY A 189 1.46 9.64 1.26
CA GLY A 189 1.96 10.75 2.08
C GLY A 189 3.37 10.51 2.62
N SER A 190 3.85 9.29 2.57
CA SER A 190 5.21 8.97 2.99
C SER A 190 6.07 8.61 1.77
N GLY A 191 5.59 8.83 0.55
CA GLY A 191 6.27 8.36 -0.64
C GLY A 191 7.40 9.26 -1.11
N ALA A 192 8.02 8.87 -2.22
CA ALA A 192 9.04 9.68 -2.87
C ALA A 192 9.10 9.32 -4.30
N LEU A 193 9.76 10.20 -5.05
CA LEU A 193 10.13 9.90 -6.39
C LEU A 193 11.07 8.69 -6.31
N LEU A 194 10.85 7.72 -7.19
CA LEU A 194 11.74 6.56 -7.27
C LEU A 194 13.09 7.00 -7.83
N LYS A 195 14.16 6.59 -7.15
CA LYS A 195 15.53 6.83 -7.65
C LYS A 195 16.29 5.55 -7.40
N ASP A 196 17.47 5.43 -8.01
CA ASP A 196 18.26 4.21 -7.94
C ASP A 196 19.36 4.34 -6.88
N THR A 197 19.48 5.52 -6.30
CA THR A 197 20.48 5.75 -5.28
C THR A 197 19.89 5.49 -3.91
N VAL A 198 20.74 5.50 -2.89
CA VAL A 198 20.35 5.17 -1.52
C VAL A 198 19.44 6.22 -0.91
N TYR A 199 18.47 5.77 -0.15
CA TYR A 199 17.61 6.67 0.65
C TYR A 199 18.09 6.66 2.09
N THR A 200 18.13 7.85 2.72
CA THR A 200 18.54 7.98 4.12
C THR A 200 17.47 8.57 5.04
N ASP A 201 16.29 8.84 4.48
CA ASP A 201 15.13 9.28 5.26
C ASP A 201 13.97 8.30 5.03
N PHE A 202 13.03 8.27 5.98
CA PHE A 202 11.89 7.35 5.96
C PHE A 202 10.84 7.67 7.04
N ASP A 203 9.58 7.91 6.63
CA ASP A 203 8.49 8.28 7.55
C ASP A 203 7.31 7.30 7.46
N GLY A 204 7.57 6.11 6.90
CA GLY A 204 6.56 5.06 6.77
C GLY A 204 6.38 4.24 8.05
N THR A 205 5.77 3.07 7.93
CA THR A 205 5.49 2.22 9.06
C THR A 205 6.65 1.29 9.43
N ARG A 206 7.08 1.41 10.68
CA ARG A 206 8.36 0.83 11.11
C ARG A 206 8.34 -0.69 11.07
N VAL A 207 7.24 -1.29 11.49
CA VAL A 207 7.11 -2.74 11.49
C VAL A 207 7.10 -3.39 10.09
N TYR A 208 6.96 -2.58 9.04
CA TYR A 208 7.12 -3.03 7.64
C TYR A 208 8.48 -2.61 6.98
N SER A 209 9.33 -1.90 7.71
CA SER A 209 10.60 -1.37 7.19
C SER A 209 11.68 -2.45 7.30
N PRO A 210 12.66 -2.43 6.38
CA PRO A 210 13.60 -3.52 6.36
C PRO A 210 14.71 -3.34 7.40
N PRO A 211 15.46 -4.40 7.63
CA PRO A 211 16.51 -4.45 8.59
C PRO A 211 17.67 -3.48 8.29
N GLU A 212 17.95 -3.24 7.03
CA GLU A 212 18.95 -2.25 6.66
C GLU A 212 18.56 -0.83 7.09
N TRP A 213 17.26 -0.55 7.17
CA TRP A 213 16.80 0.74 7.68
C TRP A 213 16.96 0.77 9.21
N ILE A 214 16.55 -0.31 9.86
CA ILE A 214 16.61 -0.43 11.31
C ILE A 214 18.07 -0.29 11.75
N ARG A 215 18.94 -1.09 11.16
CA ARG A 215 20.33 -1.19 11.62
C ARG A 215 21.19 -0.03 11.15
N TYR A 216 21.00 0.44 9.91
CA TYR A 216 21.90 1.42 9.33
C TYR A 216 21.27 2.74 8.82
N HIS A 217 19.96 2.93 8.89
CA HIS A 217 19.36 4.22 8.50
C HIS A 217 19.56 4.52 7.00
N ARG A 218 19.61 3.46 6.19
CA ARG A 218 19.73 3.54 4.73
C ARG A 218 19.01 2.34 4.05
N TYR A 219 18.54 2.54 2.82
CA TYR A 219 17.89 1.45 2.03
C TYR A 219 17.81 1.88 0.59
N HIS A 220 17.60 0.91 -0.31
CA HIS A 220 17.29 1.20 -1.70
C HIS A 220 15.78 0.94 -1.89
N GLY A 221 15.20 1.59 -2.88
CA GLY A 221 13.73 1.62 -2.97
C GLY A 221 13.06 0.28 -3.15
N ARG A 222 13.49 -0.41 -4.17
CA ARG A 222 12.78 -1.55 -4.67
C ARG A 222 12.93 -2.66 -3.70
N SER A 223 14.16 -2.82 -3.21
CA SER A 223 14.48 -3.91 -2.31
C SER A 223 13.77 -3.72 -0.96
N ALA A 224 13.55 -2.46 -0.57
CA ALA A 224 12.80 -2.18 0.64
C ALA A 224 11.31 -2.44 0.40
N ALA A 225 10.85 -2.15 -0.80
CA ALA A 225 9.48 -2.43 -1.20
C ALA A 225 9.17 -3.92 -1.14
N VAL A 226 10.09 -4.72 -1.61
CA VAL A 226 9.94 -6.17 -1.62
C VAL A 226 9.87 -6.74 -0.20
N TRP A 227 10.68 -6.21 0.69
CA TRP A 227 10.63 -6.61 2.10
C TRP A 227 9.26 -6.36 2.67
N SER A 228 8.76 -5.15 2.45
CA SER A 228 7.45 -4.77 2.94
C SER A 228 6.35 -5.68 2.37
N LEU A 229 6.55 -6.17 1.15
CA LEU A 229 5.57 -7.04 0.51
C LEU A 229 5.63 -8.45 1.12
N GLY A 230 6.81 -8.88 1.57
CA GLY A 230 6.92 -10.11 2.31
C GLY A 230 6.22 -10.04 3.67
N ILE A 231 6.31 -8.91 4.37
CA ILE A 231 5.53 -8.67 5.61
C ILE A 231 4.06 -8.77 5.30
N LEU A 232 3.64 -8.11 4.21
CA LEU A 232 2.24 -8.06 3.85
C LEU A 232 1.73 -9.44 3.51
N LEU A 233 2.54 -10.21 2.78
CA LEU A 233 2.09 -11.55 2.40
C LEU A 233 1.91 -12.43 3.65
N TYR A 234 2.87 -12.36 4.58
CA TYR A 234 2.79 -13.10 5.86
C TYR A 234 1.51 -12.70 6.59
N ASP A 235 1.29 -11.40 6.69
CA ASP A 235 0.10 -10.81 7.29
C ASP A 235 -1.16 -11.42 6.74
N MET A 236 -1.18 -11.67 5.44
CA MET A 236 -2.36 -12.22 4.80
C MET A 236 -2.59 -13.68 5.11
N VAL A 237 -1.53 -14.49 5.04
CA VAL A 237 -1.66 -15.93 5.22
C VAL A 237 -1.59 -16.41 6.69
N CYS A 238 -1.14 -15.56 7.57
CA CYS A 238 -1.04 -15.87 8.99
C CYS A 238 -2.02 -15.09 9.85
N GLY A 239 -2.61 -14.02 9.29
CA GLY A 239 -3.60 -13.24 10.01
C GLY A 239 -3.00 -12.10 10.83
N ASP A 240 -1.68 -12.00 10.86
CA ASP A 240 -1.02 -10.80 11.45
C ASP A 240 0.40 -10.76 10.94
N ILE A 241 1.07 -9.63 11.13
CA ILE A 241 2.42 -9.43 10.70
C ILE A 241 3.36 -10.24 11.57
N PRO A 242 4.58 -10.51 11.07
CA PRO A 242 5.47 -11.40 11.82
C PRO A 242 6.35 -10.74 12.90
N PHE A 243 6.62 -9.45 12.79
CA PHE A 243 7.55 -8.79 13.66
C PHE A 243 6.91 -7.55 14.19
N GLU A 244 7.25 -7.24 15.43
CA GLU A 244 6.84 -6.02 16.11
C GLU A 244 8.08 -5.29 16.61
N HIS A 245 9.09 -6.03 17.08
CA HIS A 245 10.27 -5.38 17.68
C HIS A 245 11.44 -5.35 16.71
N ASP A 246 12.23 -4.31 16.84
CA ASP A 246 13.42 -4.14 16.04
C ASP A 246 14.24 -5.41 15.92
N GLU A 247 14.38 -6.12 17.03
CA GLU A 247 15.36 -7.18 17.09
C GLU A 247 14.84 -8.33 16.23
N GLU A 248 13.54 -8.49 16.21
CA GLU A 248 12.90 -9.53 15.38
C GLU A 248 13.08 -9.20 13.90
N ILE A 249 12.91 -7.92 13.55
CA ILE A 249 13.10 -7.43 12.16
C ILE A 249 14.50 -7.74 11.68
N ILE A 250 15.49 -7.33 12.46
CA ILE A 250 16.91 -7.55 12.12
C ILE A 250 17.32 -9.03 12.31
N GLY A 251 16.49 -9.82 13.02
CA GLY A 251 16.81 -11.20 13.39
C GLY A 251 16.82 -12.25 12.28
N GLY A 252 16.01 -12.08 11.26
CA GLY A 252 16.07 -13.00 10.09
C GLY A 252 15.44 -14.39 10.30
N GLN A 253 14.52 -14.47 11.25
CA GLN A 253 13.86 -15.72 11.62
C GLN A 253 12.35 -15.57 11.44
N VAL A 254 11.74 -16.39 10.60
CA VAL A 254 10.34 -16.31 10.33
C VAL A 254 9.63 -17.58 10.85
N PHE A 255 8.82 -17.38 11.89
CA PHE A 255 8.05 -18.46 12.48
C PHE A 255 6.63 -18.38 11.93
N PHE A 256 6.14 -19.51 11.42
CA PHE A 256 4.76 -19.63 10.92
C PHE A 256 3.83 -20.17 12.02
N ARG A 257 2.85 -19.36 12.35
CA ARG A 257 1.88 -19.60 13.41
C ARG A 257 0.61 -20.26 12.85
N GLN A 258 0.51 -20.30 11.52
CA GLN A 258 -0.57 -20.96 10.83
C GLN A 258 0.02 -21.96 9.86
N ARG A 259 -0.84 -22.86 9.40
CA ARG A 259 -0.51 -23.76 8.34
C ARG A 259 -0.42 -22.94 7.05
N VAL A 260 0.77 -22.93 6.44
CA VAL A 260 1.03 -22.22 5.20
C VAL A 260 1.79 -23.17 4.29
N SER A 261 1.40 -23.24 3.01
CA SER A 261 1.98 -24.20 2.08
C SER A 261 3.45 -23.86 2.00
N SEP A 262 4.25 -24.81 1.56
CA SEP A 262 5.68 -24.57 1.57
CB SEP A 262 6.47 -25.86 1.77
OG SEP A 262 5.91 -26.91 1.08
C SEP A 262 6.19 -23.74 0.40
O SEP A 262 7.26 -23.15 0.53
P SEP A 262 5.45 -28.15 2.03
O1P SEP A 262 3.87 -28.03 2.17
O2P SEP A 262 5.82 -29.39 1.15
O3P SEP A 262 6.09 -28.44 3.46
N GLU A 263 5.47 -23.70 -0.72
CA GLU A 263 5.79 -22.74 -1.78
C GLU A 263 5.56 -21.29 -1.27
N CYS A 264 4.51 -21.09 -0.49
CA CYS A 264 4.24 -19.78 0.07
C CYS A 264 5.26 -19.40 1.13
N GLN A 265 5.57 -20.31 2.05
CA GLN A 265 6.63 -20.06 3.03
C GLN A 265 7.94 -19.65 2.35
N HIS A 266 8.28 -20.31 1.25
CA HIS A 266 9.50 -20.01 0.52
C HIS A 266 9.46 -18.59 -0.10
N LEU A 267 8.33 -18.21 -0.68
CA LEU A 267 8.22 -16.84 -1.23
C LEU A 267 8.37 -15.81 -0.12
N ILE A 268 7.74 -16.04 1.03
CA ILE A 268 7.80 -15.07 2.12
C ILE A 268 9.24 -14.97 2.57
N ARG A 269 9.86 -16.11 2.81
CA ARG A 269 11.22 -16.10 3.30
C ARG A 269 12.20 -15.45 2.31
N TRP A 270 12.03 -15.72 1.02
CA TRP A 270 12.77 -15.02 -0.04
C TRP A 270 12.60 -13.51 0.04
N CYS A 271 11.35 -13.05 0.10
CA CYS A 271 11.11 -11.59 0.22
C CYS A 271 11.69 -11.01 1.46
N LEU A 272 11.78 -11.82 2.52
CA LEU A 272 12.32 -11.35 3.80
C LEU A 272 13.81 -11.77 3.96
N ALA A 273 14.54 -11.96 2.87
CA ALA A 273 16.00 -12.14 2.99
C ALA A 273 16.62 -10.93 3.71
N LEU A 274 17.47 -11.22 4.69
CA LEU A 274 18.17 -10.16 5.39
C LEU A 274 18.97 -9.26 4.43
N ARG A 275 19.78 -9.87 3.55
CA ARG A 275 20.60 -9.11 2.62
C ARG A 275 19.70 -8.63 1.47
N PRO A 276 19.59 -7.32 1.25
CA PRO A 276 18.75 -6.78 0.16
C PRO A 276 18.92 -7.48 -1.21
N SER A 277 20.18 -7.68 -1.62
CA SER A 277 20.49 -8.23 -2.95
C SER A 277 19.99 -9.64 -3.15
N ASP A 278 19.75 -10.34 -2.05
CA ASP A 278 19.18 -11.69 -2.08
C ASP A 278 17.65 -11.71 -2.24
N ARG A 279 17.01 -10.54 -2.12
CA ARG A 279 15.53 -10.53 -2.26
C ARG A 279 15.19 -10.66 -3.72
N PRO A 280 13.98 -11.15 -4.02
CA PRO A 280 13.59 -11.26 -5.40
C PRO A 280 13.23 -9.95 -6.00
N THR A 281 13.33 -9.87 -7.32
CA THR A 281 12.83 -8.76 -8.10
C THR A 281 11.33 -8.98 -8.21
N PHE A 282 10.61 -7.98 -8.70
CA PHE A 282 9.18 -8.15 -8.93
C PHE A 282 8.86 -9.27 -9.92
N GLU A 283 9.58 -9.33 -11.02
CA GLU A 283 9.44 -10.44 -11.96
C GLU A 283 9.64 -11.80 -11.30
N GLU A 284 10.67 -11.94 -10.49
CA GLU A 284 10.90 -13.20 -9.76
C GLU A 284 9.75 -13.54 -8.79
N ILE A 285 9.18 -12.54 -8.14
CA ILE A 285 7.97 -12.77 -7.31
C ILE A 285 6.83 -13.26 -8.19
N GLN A 286 6.60 -12.60 -9.32
CA GLN A 286 5.46 -13.01 -10.15
C GLN A 286 5.67 -14.30 -10.92
N ASN A 287 6.92 -14.70 -11.11
CA ASN A 287 7.17 -16.00 -11.73
C ASN A 287 7.25 -17.15 -10.72
N HIS A 288 7.22 -16.83 -9.42
CA HIS A 288 7.35 -17.85 -8.37
C HIS A 288 6.21 -18.87 -8.50
N PRO A 289 6.48 -20.16 -8.25
CA PRO A 289 5.43 -21.15 -8.34
C PRO A 289 4.21 -20.86 -7.47
N TRP A 290 4.37 -20.27 -6.29
CA TRP A 290 3.17 -20.00 -5.48
C TRP A 290 2.20 -19.03 -6.20
N MET A 291 2.73 -18.23 -7.13
CA MET A 291 1.97 -17.15 -7.78
C MET A 291 1.21 -17.56 -9.04
N GLN A 292 1.30 -18.82 -9.43
CA GLN A 292 0.71 -19.26 -10.68
C GLN A 292 -0.80 -19.52 -10.54
N ASP A 293 -1.51 -19.36 -11.65
CA ASP A 293 -2.95 -19.63 -11.75
C ASP A 293 -3.76 -18.72 -10.84
N VAL A 294 -3.40 -17.44 -10.85
CA VAL A 294 -4.13 -16.44 -10.10
C VAL A 294 -5.54 -16.25 -10.63
N LEU A 295 -6.47 -16.10 -9.69
CA LEU A 295 -7.86 -15.80 -10.02
C LEU A 295 -7.96 -14.37 -10.58
N LEU A 296 -8.91 -14.16 -11.50
CA LEU A 296 -9.25 -12.81 -11.92
C LEU A 296 -10.01 -12.15 -10.76
N PRO A 297 -10.14 -10.83 -10.79
CA PRO A 297 -10.83 -10.11 -9.71
C PRO A 297 -12.31 -10.47 -9.50
N GLN A 298 -13.08 -10.59 -10.57
CA GLN A 298 -14.51 -11.01 -10.48
C GLN A 298 -14.67 -12.35 -9.83
N GLU A 299 -13.92 -13.30 -10.34
CA GLU A 299 -13.82 -14.63 -9.74
C GLU A 299 -13.56 -14.51 -8.23
N THR A 300 -12.55 -13.72 -7.86
CA THR A 300 -12.24 -13.50 -6.43
C THR A 300 -13.44 -12.93 -5.67
N ALA A 301 -14.13 -11.96 -6.26
CA ALA A 301 -15.32 -11.37 -5.65
C ALA A 301 -16.40 -12.45 -5.53
N GLU A 302 -16.63 -13.22 -6.59
CA GLU A 302 -17.70 -14.22 -6.56
C GLU A 302 -17.40 -15.37 -5.59
N ILE A 303 -16.16 -15.84 -5.59
CA ILE A 303 -15.79 -16.95 -4.72
C ILE A 303 -15.61 -16.55 -3.29
N HIS A 304 -15.11 -15.35 -3.00
CA HIS A 304 -14.68 -15.02 -1.62
C HIS A 304 -15.30 -13.81 -1.00
N LEU A 305 -15.90 -12.92 -1.79
CA LEU A 305 -16.33 -11.64 -1.24
C LEU A 305 -17.85 -11.47 -1.20
N HIS A 306 -18.56 -11.97 -2.21
CA HIS A 306 -20.03 -11.93 -2.21
C HIS A 306 -20.57 -12.96 -1.21
N LYS B 1 -3.89 -8.13 20.85
CA LYS B 1 -2.60 -8.56 20.22
C LYS B 1 -2.42 -7.98 18.80
N ARG B 2 -3.41 -8.14 17.90
CA ARG B 2 -3.33 -7.47 16.58
C ARG B 2 -3.70 -6.00 16.59
N ARG B 3 -2.81 -5.16 16.06
CA ARG B 3 -3.04 -3.72 16.08
C ARG B 3 -2.54 -2.99 14.81
N ARG B 4 -3.07 -1.79 14.61
CA ARG B 4 -2.62 -0.88 13.57
C ARG B 4 -1.37 -0.23 14.04
N HIS B 5 -0.53 0.23 13.11
CA HIS B 5 0.70 0.94 13.42
C HIS B 5 0.80 2.22 12.59
N PRO B 6 0.66 3.38 13.23
CA PRO B 6 0.77 4.65 12.52
C PRO B 6 2.15 4.93 11.88
N SER B 7 2.14 5.78 10.87
CA SER B 7 3.32 6.23 10.15
C SER B 7 4.05 7.32 10.93
CAA 01I C . -12.27 5.40 0.50
CAB 01I C . -12.72 4.92 1.72
CAC 01I C . -11.95 5.07 2.84
CAD 01I C . -10.71 5.68 2.85
CAE 01I C . -10.26 6.17 1.65
CAF 01I C . -11.02 6.02 0.48
CAG 01I C . -9.02 6.80 1.54
CAH 01I C . -8.57 7.25 0.35
CAI 01I C . -9.32 7.16 -0.80
CAJ 01I C . -10.55 6.51 -0.73
CAK 01I C . -13.90 4.24 2.16
CAL 01I C . -13.75 4.02 3.52
OAM 01I C . -12.65 4.49 3.93
CAN 01I C . -8.02 7.09 2.51
CAO 01I C . -7.01 7.74 1.79
OAP 01I C . -7.29 7.84 0.56
CAQ 01I C . -5.71 8.33 2.18
CAR 01I C . -14.57 3.39 4.59
OAS 01I C . -14.04 3.17 5.72
OAT 01I C . -4.92 8.65 1.27
OAU 01I C . -5.50 8.48 3.41
OAV 01I C . -15.77 3.09 4.35
#